data_1NO9
#
_entry.id   1NO9
#
_cell.length_a   71.413
_cell.length_b   72.192
_cell.length_c   72.705
_cell.angle_alpha   90.00
_cell.angle_beta   100.57
_cell.angle_gamma   90.00
#
_symmetry.space_group_name_H-M   'C 1 2 1'
#
loop_
_entity.id
_entity.type
_entity.pdbx_description
1 polymer 'Alpha Thrombin'
2 polymer 'Alpha Thrombin'
3 polymer hirugen
4 non-polymer 2-acetamido-2-deoxy-beta-D-glucopyranose
5 non-polymer N4-(N,N-DIPHENYLCARBAMOYL)-AMINOGUANIDINE
6 water water
#
loop_
_entity_poly.entity_id
_entity_poly.type
_entity_poly.pdbx_seq_one_letter_code
_entity_poly.pdbx_strand_id
1 'polypeptide(L)' TFGSGEADCGLRPLFEKKSLEDKTERELLESYIDGR L
2 'polypeptide(L)'
;IVEGSDAEIGMSPWQVMLFRKSPQELLCGASLISDRWVLTAAHCLLYPPWDKNFTENDLLVRIGKHSRTRYERNIEKISM
LEKIYIHPRYNWRENLDRDIALMKLKKPVAFSDYIHPVCLPDRETAASLLQAGYKGRVTGWGNLKETWTANVGKGQPSVL
QVVNLPIVERPVCKDSTRIRITDNMFCAGYKPDEGKRGDACEGDSGGPFVMKSPFNNRWYQMGIVSWGEGCDRDGKYGFY
THVFRLKKWIQKVIDQFGE
;
H
3 'polypeptide(L)' DFEEIPEE(TYS)LQ I
#
# COMPACT_ATOMS: atom_id res chain seq x y z
N THR A 1 11.12 7.73 8.27
CA THR A 1 11.94 6.54 7.92
C THR A 1 11.78 5.44 8.97
N PHE A 2 10.76 5.58 9.81
CA PHE A 2 10.44 4.60 10.87
C PHE A 2 9.53 5.23 11.92
N GLY A 3 8.62 6.09 11.46
CA GLY A 3 7.71 6.76 12.37
C GLY A 3 8.18 8.16 12.69
N SER A 4 9.30 8.26 13.40
CA SER A 4 9.88 9.55 13.76
C SER A 4 10.81 10.02 12.66
N GLY A 5 10.49 9.67 11.42
CA GLY A 5 11.33 10.06 10.29
C GLY A 5 10.58 10.90 9.28
N GLU A 6 11.30 11.81 8.62
CA GLU A 6 10.73 12.70 7.62
C GLU A 6 9.70 13.64 8.25
N ALA A 7 10.17 14.80 8.67
CA ALA A 7 9.32 15.79 9.31
C ALA A 7 8.19 16.23 8.39
N ASP A 8 8.36 15.92 7.11
CA ASP A 8 7.41 16.34 6.09
C ASP A 8 6.48 15.24 5.55
N CYS A 9 6.55 14.04 6.11
CA CYS A 9 5.76 12.92 5.64
C CYS A 9 4.26 13.16 5.63
N GLY A 10 3.58 12.52 4.67
CA GLY A 10 2.14 12.58 4.64
C GLY A 10 1.49 13.88 4.24
N LEU A 11 2.28 14.87 3.80
CA LEU A 11 1.70 16.13 3.34
C LEU A 11 2.00 16.19 1.86
N ARG A 12 0.96 16.05 1.04
CA ARG A 12 1.12 16.04 -0.42
C ARG A 12 1.37 17.41 -1.04
N PRO A 13 2.41 17.52 -1.89
CA PRO A 13 2.74 18.79 -2.55
C PRO A 13 1.56 19.40 -3.30
N LEU A 14 0.77 18.57 -3.95
CA LEU A 14 -0.35 19.09 -4.74
C LEU A 14 -1.66 19.28 -4.01
N PHE A 15 -1.69 18.89 -2.75
CA PHE A 15 -2.92 19.01 -1.97
C PHE A 15 -2.66 19.73 -0.63
N GLU A 16 -2.32 19.00 0.44
CA GLU A 16 -2.11 19.66 1.73
C GLU A 16 -1.20 20.89 1.70
N LYS A 17 -0.09 20.81 0.98
CA LYS A 17 0.84 21.91 0.93
C LYS A 17 0.25 23.15 0.25
N LYS A 18 -0.76 22.96 -0.59
CA LYS A 18 -1.42 24.07 -1.30
C LYS A 18 -2.79 24.35 -0.72
N SER A 19 -3.16 23.57 0.29
CA SER A 19 -4.46 23.66 0.94
C SER A 19 -5.62 23.34 -0.01
N LEU A 20 -5.42 22.34 -0.86
CA LEU A 20 -6.45 21.87 -1.79
C LEU A 20 -6.82 20.46 -1.31
N GLU A 21 -8.08 20.09 -1.47
CA GLU A 21 -8.57 18.79 -1.04
C GLU A 21 -8.80 17.93 -2.26
N ASP A 22 -8.57 16.62 -2.16
CA ASP A 22 -8.85 15.77 -3.30
C ASP A 22 -10.33 15.46 -3.31
N LYS A 23 -10.80 14.88 -4.42
CA LYS A 23 -12.22 14.59 -4.62
C LYS A 23 -12.97 13.74 -3.61
N THR A 24 -12.29 12.90 -2.85
CA THR A 24 -13.03 12.06 -1.92
C THR A 24 -12.51 12.00 -0.50
N GLU A 25 -11.51 12.83 -0.14
CA GLU A 25 -11.01 12.72 1.23
C GLU A 25 -12.02 13.10 2.30
N ARG A 26 -13.01 13.92 1.95
CA ARG A 26 -14.05 14.31 2.91
C ARG A 26 -14.81 13.08 3.41
N GLU A 27 -14.96 12.09 2.53
CA GLU A 27 -15.66 10.86 2.90
C GLU A 27 -14.91 10.19 4.07
N LEU A 28 -13.58 10.23 4.04
CA LEU A 28 -12.80 9.64 5.12
C LEU A 28 -13.04 10.41 6.41
N LEU A 29 -12.81 11.71 6.35
CA LEU A 29 -12.96 12.57 7.52
C LEU A 29 -14.36 12.48 8.12
N GLU A 30 -15.37 12.37 7.28
CA GLU A 30 -16.73 12.30 7.81
C GLU A 30 -16.98 10.97 8.53
N SER A 31 -16.14 9.98 8.27
CA SER A 31 -16.34 8.69 8.92
C SER A 31 -15.70 8.62 10.31
N TYR A 32 -14.81 9.56 10.61
CA TYR A 32 -14.12 9.54 11.90
C TYR A 32 -14.95 10.23 12.96
N ILE A 33 -16.08 9.63 13.29
CA ILE A 33 -16.98 10.19 14.29
C ILE A 33 -16.51 9.97 15.72
N ASP A 34 -16.32 11.10 16.42
CA ASP A 34 -15.83 11.15 17.78
C ASP A 34 -14.33 11.35 17.82
N GLY A 35 -13.87 12.33 17.04
CA GLY A 35 -12.46 12.67 16.98
C GLY A 35 -12.42 14.19 16.95
N ARG A 36 -13.17 14.78 16.02
CA ARG A 36 -13.25 16.24 15.89
C ARG A 36 -14.50 16.74 16.61
N ILE B 1 -7.98 -2.78 -8.38
CA ILE B 1 -9.05 -2.20 -7.53
C ILE B 1 -10.42 -2.39 -8.21
N VAL B 2 -11.38 -2.92 -7.47
CA VAL B 2 -12.73 -3.15 -7.98
C VAL B 2 -13.66 -2.07 -7.46
N GLU B 3 -14.45 -1.50 -8.38
CA GLU B 3 -15.41 -0.45 -8.00
C GLU B 3 -14.76 0.79 -7.45
N GLY B 4 -13.58 1.13 -7.97
CA GLY B 4 -12.91 2.33 -7.51
C GLY B 4 -13.05 3.37 -8.60
N SER B 5 -12.18 4.37 -8.60
CA SER B 5 -12.25 5.41 -9.60
C SER B 5 -10.84 5.87 -9.89
N ASP B 6 -10.67 6.61 -10.98
CA ASP B 6 -9.37 7.12 -11.37
C ASP B 6 -8.81 8.03 -10.30
N ALA B 7 -7.54 7.86 -9.96
CA ALA B 7 -6.93 8.74 -8.97
C ALA B 7 -6.63 10.08 -9.62
N GLU B 8 -6.54 11.14 -8.80
CA GLU B 8 -6.18 12.45 -9.33
C GLU B 8 -4.64 12.44 -9.37
N ILE B 9 -4.08 13.29 -10.20
CA ILE B 9 -2.62 13.39 -10.31
C ILE B 9 -2.06 13.84 -8.95
N GLY B 10 -0.98 13.18 -8.50
CA GLY B 10 -0.35 13.52 -7.23
C GLY B 10 -1.16 13.16 -5.99
N MET B 11 -2.25 12.41 -6.16
CA MET B 11 -3.12 12.03 -5.04
C MET B 11 -2.49 11.05 -4.02
N SER B 12 -1.61 10.16 -4.48
CA SER B 12 -0.93 9.18 -3.61
C SER B 12 0.52 9.20 -4.05
N PRO B 13 1.25 10.26 -3.71
CA PRO B 13 2.65 10.36 -4.12
C PRO B 13 3.63 9.34 -3.53
N TRP B 14 3.15 8.54 -2.56
CA TRP B 14 3.96 7.50 -1.95
C TRP B 14 3.73 6.14 -2.63
N GLN B 15 2.84 6.11 -3.61
CA GLN B 15 2.52 4.85 -4.29
C GLN B 15 3.72 4.42 -5.10
N VAL B 16 4.03 3.14 -4.99
CA VAL B 16 5.18 2.56 -5.70
C VAL B 16 4.72 1.35 -6.50
N MET B 17 5.31 1.16 -7.68
CA MET B 17 4.99 -0.01 -8.49
C MET B 17 6.19 -0.97 -8.40
N LEU B 18 5.93 -2.24 -8.08
CA LEU B 18 6.97 -3.28 -8.04
C LEU B 18 6.92 -3.85 -9.45
N PHE B 19 8.01 -3.68 -10.19
CA PHE B 19 8.07 -4.06 -11.59
C PHE B 19 9.12 -5.14 -11.89
N ARG B 20 8.67 -6.21 -12.53
CA ARG B 20 9.54 -7.31 -12.89
C ARG B 20 10.35 -6.98 -14.17
N LYS B 21 11.67 -7.16 -14.13
CA LYS B 21 12.54 -6.84 -15.28
C LYS B 21 12.25 -7.66 -16.54
N SER B 22 12.11 -8.97 -16.36
CA SER B 22 11.83 -9.84 -17.50
C SER B 22 11.18 -11.15 -17.12
N PRO B 23 9.97 -11.40 -17.64
CA PRO B 23 9.27 -10.46 -18.53
C PRO B 23 8.88 -9.21 -17.75
N GLN B 24 8.68 -8.11 -18.47
CA GLN B 24 8.32 -6.86 -17.81
C GLN B 24 6.83 -6.88 -17.48
N GLU B 25 6.52 -7.04 -16.19
CA GLU B 25 5.14 -7.06 -15.75
C GLU B 25 4.96 -6.44 -14.36
N LEU B 26 3.73 -6.04 -14.08
CA LEU B 26 3.39 -5.46 -12.78
C LEU B 26 3.38 -6.61 -11.80
N LEU B 27 4.12 -6.48 -10.72
CA LEU B 27 4.18 -7.53 -9.72
C LEU B 27 3.26 -7.23 -8.53
N CYS B 28 3.38 -6.02 -7.98
CA CYS B 28 2.62 -5.65 -6.79
C CYS B 28 2.74 -4.14 -6.55
N GLY B 29 1.99 -3.65 -5.58
CA GLY B 29 2.11 -2.24 -5.21
C GLY B 29 3.08 -2.22 -4.03
N ALA B 30 3.40 -1.01 -3.55
CA ALA B 30 4.34 -0.83 -2.45
C ALA B 30 4.22 0.64 -2.09
N SER B 31 4.97 1.07 -1.08
CA SER B 31 4.90 2.48 -0.68
C SER B 31 6.23 3.06 -0.25
N LEU B 32 6.38 4.36 -0.50
CA LEU B 32 7.60 5.06 -0.18
C LEU B 32 7.48 5.65 1.21
N ILE B 33 8.34 5.23 2.14
CA ILE B 33 8.28 5.74 3.50
C ILE B 33 9.46 6.67 3.86
N SER B 34 10.41 6.82 2.94
CA SER B 34 11.54 7.75 3.15
C SER B 34 12.27 7.84 1.81
N ASP B 35 13.38 8.58 1.72
CA ASP B 35 14.06 8.69 0.42
C ASP B 35 14.73 7.45 -0.08
N ARG B 36 14.90 6.44 0.77
CA ARG B 36 15.54 5.22 0.33
C ARG B 36 14.90 3.93 0.80
N TRP B 37 13.73 3.99 1.43
CA TRP B 37 13.05 2.77 1.90
C TRP B 37 11.63 2.61 1.34
N VAL B 38 11.31 1.40 0.91
CA VAL B 38 10.00 1.09 0.35
C VAL B 38 9.40 -0.08 1.14
N LEU B 39 8.12 0.02 1.45
CA LEU B 39 7.43 -1.00 2.23
C LEU B 39 6.48 -1.76 1.32
N THR B 40 6.39 -3.08 1.48
CA THR B 40 5.50 -3.88 0.67
C THR B 40 5.14 -5.17 1.43
N ALA B 41 4.44 -6.07 0.77
CA ALA B 41 4.05 -7.33 1.39
C ALA B 41 5.11 -8.39 1.09
N ALA B 42 5.49 -9.14 2.11
CA ALA B 42 6.49 -10.21 1.93
C ALA B 42 6.06 -11.20 0.83
N HIS B 43 4.77 -11.49 0.75
CA HIS B 43 4.32 -12.47 -0.22
C HIS B 43 4.46 -12.06 -1.69
N CYS B 44 4.73 -10.77 -1.93
CA CYS B 44 4.96 -10.25 -3.27
C CYS B 44 6.35 -10.71 -3.73
N LEU B 45 7.19 -11.04 -2.77
CA LEU B 45 8.56 -11.45 -3.06
C LEU B 45 8.84 -12.94 -2.81
N LEU B 46 8.32 -13.45 -1.71
CA LEU B 46 8.58 -14.82 -1.31
C LEU B 46 7.32 -15.60 -1.02
N TYR B 47 7.07 -16.61 -1.84
CA TYR B 47 5.91 -17.46 -1.65
C TYR B 47 6.20 -18.85 -2.25
N PRO B 48 6.88 -19.71 -1.49
CA PRO B 48 7.25 -21.07 -1.93
C PRO B 48 6.15 -21.92 -2.55
N PRO B 49 4.91 -21.83 -2.06
CA PRO B 49 3.88 -22.66 -2.68
C PRO B 49 3.73 -22.46 -4.19
N TRP B 50 4.08 -21.27 -4.68
CA TRP B 50 3.99 -20.99 -6.11
C TRP B 50 5.38 -20.77 -6.71
N ASP B 51 6.40 -21.28 -6.03
CA ASP B 51 7.78 -21.14 -6.48
C ASP B 51 8.16 -19.68 -6.77
N LYS B 52 7.70 -18.79 -5.90
CA LYS B 52 8.01 -17.37 -6.05
C LYS B 52 9.10 -17.03 -5.06
N ASN B 53 10.20 -16.49 -5.57
CA ASN B 53 11.32 -16.10 -4.72
C ASN B 53 12.19 -15.11 -5.46
N PHE B 54 11.77 -13.84 -5.46
CA PHE B 54 12.51 -12.80 -6.14
C PHE B 54 13.65 -12.22 -5.31
N THR B 55 14.76 -11.93 -5.97
CA THR B 55 15.92 -11.34 -5.32
C THR B 55 16.00 -9.89 -5.79
N GLU B 56 16.89 -9.10 -5.21
CA GLU B 56 16.99 -7.71 -5.59
C GLU B 56 17.35 -7.47 -7.04
N ASN B 57 17.91 -8.47 -7.70
CA ASN B 57 18.25 -8.26 -9.10
C ASN B 57 17.14 -8.58 -10.07
N ASP B 58 16.04 -9.13 -9.58
CA ASP B 58 14.91 -9.46 -10.46
C ASP B 58 13.92 -8.33 -10.62
N LEU B 59 14.04 -7.32 -9.75
CA LEU B 59 13.07 -6.23 -9.72
C LEU B 59 13.56 -4.80 -9.83
N LEU B 60 12.60 -3.94 -10.11
CA LEU B 60 12.79 -2.49 -10.19
C LEU B 60 11.58 -1.86 -9.48
N VAL B 61 11.79 -0.70 -8.85
CA VAL B 61 10.67 0.02 -8.25
C VAL B 61 10.51 1.29 -9.09
N ARG B 62 9.27 1.59 -9.48
CA ARG B 62 8.93 2.77 -10.27
C ARG B 62 8.08 3.66 -9.36
N ILE B 63 8.56 4.88 -9.17
CA ILE B 63 7.95 5.84 -8.29
C ILE B 63 7.46 7.09 -9.01
N GLY B 64 6.34 7.64 -8.52
CA GLY B 64 5.76 8.85 -9.09
C GLY B 64 4.87 8.60 -10.28
N LYS B 65 4.43 7.35 -10.48
CA LYS B 65 3.61 7.03 -11.64
C LYS B 65 2.13 7.30 -11.49
N HIS B 66 1.45 7.31 -12.63
CA HIS B 66 0.01 7.51 -12.70
C HIS B 66 -0.52 6.50 -13.72
N SER B 67 0.03 6.53 -14.92
CA SER B 67 -0.37 5.61 -15.98
C SER B 67 0.20 4.23 -15.62
N ARG B 68 -0.55 3.17 -15.83
CA ARG B 68 -0.04 1.82 -15.51
C ARG B 68 1.08 1.33 -16.45
N THR B 69 0.89 1.53 -17.75
CA THR B 69 1.84 1.03 -18.73
C THR B 69 2.86 1.97 -19.38
N ARG B 70 2.66 3.28 -19.30
CA ARG B 70 3.64 4.12 -19.94
C ARG B 70 4.88 4.42 -19.15
N TYR B 71 5.93 4.77 -19.89
CA TYR B 71 7.17 5.17 -19.26
C TYR B 71 6.92 6.68 -19.18
N GLU B 72 6.64 7.15 -17.98
CA GLU B 72 6.29 8.56 -17.77
C GLU B 72 7.53 9.45 -17.64
N ARG B 73 8.10 9.72 -18.81
CA ARG B 73 9.31 10.51 -18.95
C ARG B 73 9.26 11.84 -18.22
N ASN B 74 10.31 12.14 -17.47
CA ASN B 74 10.46 13.37 -16.70
C ASN B 74 9.53 13.44 -15.47
N ILE B 75 8.79 12.37 -15.21
CA ILE B 75 7.87 12.33 -14.05
C ILE B 75 8.23 11.19 -13.11
N GLU B 76 8.16 9.97 -13.60
CA GLU B 76 8.49 8.82 -12.76
C GLU B 76 9.99 8.62 -12.62
N LYS B 77 10.38 7.93 -11.56
CA LYS B 77 11.77 7.62 -11.31
C LYS B 77 11.83 6.11 -11.09
N ILE B 78 12.79 5.45 -11.72
CA ILE B 78 12.95 4.01 -11.58
C ILE B 78 14.19 3.77 -10.76
N SER B 79 14.08 2.94 -9.73
CA SER B 79 15.23 2.64 -8.86
C SER B 79 15.52 1.15 -8.78
N MET B 80 16.79 0.83 -8.57
CA MET B 80 17.22 -0.55 -8.43
C MET B 80 17.27 -0.80 -6.94
N LEU B 81 17.18 -2.06 -6.57
CA LEU B 81 17.20 -2.46 -5.17
C LEU B 81 18.56 -2.83 -4.66
N GLU B 82 18.87 -2.39 -3.45
CA GLU B 82 20.14 -2.74 -2.85
C GLU B 82 19.94 -3.99 -2.00
N LYS B 83 18.91 -3.99 -1.17
CA LYS B 83 18.66 -5.14 -0.30
C LYS B 83 17.19 -5.30 0.05
N ILE B 84 16.75 -6.55 0.13
CA ILE B 84 15.39 -6.89 0.50
C ILE B 84 15.36 -7.52 1.89
N TYR B 85 14.50 -7.05 2.78
CA TYR B 85 14.38 -7.64 4.10
C TYR B 85 12.96 -8.14 4.35
N ILE B 86 12.83 -9.44 4.60
CA ILE B 86 11.54 -10.08 4.85
C ILE B 86 11.44 -10.28 6.36
N HIS B 87 10.27 -10.11 6.94
CA HIS B 87 10.15 -10.32 8.39
C HIS B 87 10.54 -11.77 8.70
N PRO B 88 11.41 -11.98 9.71
CA PRO B 88 11.83 -13.34 10.04
C PRO B 88 10.70 -14.31 10.40
N ARG B 89 9.56 -13.79 10.88
CA ARG B 89 8.46 -14.68 11.22
C ARG B 89 7.25 -14.63 10.28
N TYR B 90 7.49 -14.20 9.04
CA TYR B 90 6.44 -14.17 8.01
C TYR B 90 5.97 -15.61 7.82
N ASN B 91 4.69 -15.87 8.07
CA ASN B 91 4.14 -17.23 7.97
C ASN B 91 3.49 -17.54 6.63
N TRP B 92 4.29 -17.95 5.65
CA TRP B 92 3.74 -18.28 4.34
C TRP B 92 3.12 -19.67 4.30
N ARG B 93 3.39 -20.48 5.32
CA ARG B 93 2.86 -21.84 5.32
C ARG B 93 1.41 -21.93 5.69
N GLU B 94 0.95 -20.98 6.50
CA GLU B 94 -0.41 -21.07 6.97
C GLU B 94 -1.39 -19.93 6.66
N ASN B 95 -1.09 -18.70 7.06
CA ASN B 95 -2.06 -17.65 6.85
C ASN B 95 -1.53 -16.28 6.43
N LEU B 96 -0.25 -16.21 6.08
CA LEU B 96 0.40 -14.95 5.68
C LEU B 96 0.51 -13.96 6.83
N ASP B 97 0.63 -14.49 8.05
CA ASP B 97 0.79 -13.66 9.23
C ASP B 97 2.13 -12.92 9.08
N ARG B 98 2.17 -11.65 9.47
CA ARG B 98 3.38 -10.83 9.35
C ARG B 98 3.82 -10.72 7.90
N ASP B 99 2.88 -10.42 7.02
CA ASP B 99 3.15 -10.30 5.60
C ASP B 99 3.71 -8.89 5.37
N ILE B 100 5.00 -8.72 5.64
CA ILE B 100 5.65 -7.41 5.48
C ILE B 100 7.13 -7.57 5.04
N ALA B 101 7.60 -6.64 4.22
CA ALA B 101 9.00 -6.65 3.77
C ALA B 101 9.43 -5.22 3.51
N LEU B 102 10.71 -4.95 3.74
CA LEU B 102 11.30 -3.64 3.45
C LEU B 102 12.28 -3.80 2.30
N MET B 103 12.41 -2.75 1.50
CA MET B 103 13.35 -2.78 0.37
C MET B 103 14.18 -1.50 0.42
N LYS B 104 15.50 -1.66 0.44
CA LYS B 104 16.40 -0.51 0.48
C LYS B 104 16.81 -0.20 -0.96
N LEU B 105 16.65 1.07 -1.34
CA LEU B 105 16.98 1.48 -2.70
C LEU B 105 18.48 1.67 -2.83
N LYS B 106 19.01 1.44 -4.03
CA LYS B 106 20.44 1.62 -4.27
C LYS B 106 20.86 3.08 -4.03
N LYS B 107 20.03 4.03 -4.47
CA LYS B 107 20.30 5.46 -4.28
C LYS B 107 19.03 6.20 -3.85
N PRO B 108 19.16 7.20 -2.99
CA PRO B 108 18.00 7.96 -2.53
C PRO B 108 17.24 8.55 -3.71
N VAL B 109 15.92 8.62 -3.60
CA VAL B 109 15.13 9.18 -4.67
C VAL B 109 14.90 10.65 -4.31
N ALA B 110 14.83 11.53 -5.30
CA ALA B 110 14.57 12.93 -4.99
C ALA B 110 13.06 13.13 -4.97
N PHE B 111 12.56 13.89 -3.99
CA PHE B 111 11.12 14.12 -3.91
C PHE B 111 10.72 15.19 -4.93
N SER B 112 9.44 15.21 -5.28
CA SER B 112 8.91 16.13 -6.26
C SER B 112 7.43 16.25 -5.97
N ASP B 113 6.68 16.91 -6.86
CA ASP B 113 5.24 17.05 -6.69
C ASP B 113 4.54 15.69 -6.76
N TYR B 114 5.18 14.72 -7.42
CA TYR B 114 4.61 13.38 -7.63
C TYR B 114 5.19 12.27 -6.77
N ILE B 115 6.25 12.58 -6.05
CA ILE B 115 6.98 11.60 -5.22
C ILE B 115 7.17 12.21 -3.83
N HIS B 116 6.53 11.61 -2.82
CA HIS B 116 6.60 12.12 -1.47
C HIS B 116 6.26 10.95 -0.52
N PRO B 117 6.97 10.82 0.60
CA PRO B 117 6.70 9.72 1.52
C PRO B 117 5.46 9.85 2.42
N VAL B 118 4.89 8.70 2.78
CA VAL B 118 3.73 8.66 3.66
C VAL B 118 4.30 8.48 5.07
N CYS B 119 3.51 8.80 6.11
CA CYS B 119 4.00 8.63 7.48
C CYS B 119 3.65 7.25 8.04
N LEU B 120 4.44 6.78 9.00
CA LEU B 120 4.13 5.51 9.65
C LEU B 120 3.45 5.92 10.95
N PRO B 121 2.42 5.18 11.37
CA PRO B 121 1.69 5.49 12.60
C PRO B 121 2.47 5.29 13.89
N ASP B 122 2.13 6.11 14.88
CA ASP B 122 2.73 6.04 16.20
C ASP B 122 1.61 5.38 17.01
N ARG B 123 1.87 5.01 18.26
CA ARG B 123 0.84 4.36 19.06
C ARG B 123 -0.49 5.09 19.16
N GLU B 124 -0.46 6.38 19.46
CA GLU B 124 -1.70 7.11 19.61
C GLU B 124 -2.48 7.32 18.32
N THR B 125 -1.79 7.48 17.19
CA THR B 125 -2.50 7.68 15.94
C THR B 125 -3.25 6.35 15.61
N ALA B 126 -2.59 5.22 15.82
CA ALA B 126 -3.19 3.90 15.55
C ALA B 126 -4.38 3.66 16.46
N ALA B 127 -4.20 3.99 17.73
CA ALA B 127 -5.26 3.81 18.71
C ALA B 127 -6.48 4.60 18.33
N SER B 128 -6.25 5.84 17.92
CA SER B 128 -7.32 6.73 17.58
C SER B 128 -8.04 6.51 16.24
N LEU B 129 -7.33 6.00 15.24
CA LEU B 129 -7.95 5.81 13.92
C LEU B 129 -8.34 4.41 13.52
N LEU B 130 -7.71 3.41 14.10
CA LEU B 130 -8.02 2.04 13.70
C LEU B 130 -9.26 1.51 14.42
N GLN B 131 -10.42 2.02 14.01
CA GLN B 131 -11.68 1.62 14.62
C GLN B 131 -12.70 1.21 13.57
N ALA B 132 -13.55 0.24 13.92
CA ALA B 132 -14.57 -0.22 13.00
C ALA B 132 -15.43 0.94 12.54
N GLY B 133 -15.76 0.99 11.25
CA GLY B 133 -16.55 2.09 10.73
C GLY B 133 -15.74 3.21 10.12
N TYR B 134 -14.53 3.44 10.63
CA TYR B 134 -13.64 4.47 10.08
C TYR B 134 -13.12 4.03 8.71
N LYS B 135 -13.07 4.95 7.75
CA LYS B 135 -12.63 4.60 6.42
C LYS B 135 -11.18 4.92 6.10
N GLY B 136 -10.57 4.05 5.31
CA GLY B 136 -9.20 4.25 4.87
C GLY B 136 -9.25 4.22 3.36
N ARG B 137 -8.10 4.39 2.72
CA ARG B 137 -8.05 4.42 1.28
C ARG B 137 -7.00 3.46 0.73
N VAL B 138 -7.36 2.75 -0.36
CA VAL B 138 -6.46 1.80 -1.00
C VAL B 138 -6.26 2.24 -2.45
N THR B 139 -5.04 2.11 -2.96
CA THR B 139 -4.75 2.52 -4.32
C THR B 139 -3.93 1.43 -4.98
N GLY B 140 -4.00 1.35 -6.31
CA GLY B 140 -3.20 0.36 -7.00
C GLY B 140 -3.57 0.23 -8.47
N TRP B 141 -2.77 -0.51 -9.24
CA TRP B 141 -3.01 -0.72 -10.65
C TRP B 141 -3.54 -2.14 -10.91
N GLY B 142 -3.95 -2.82 -9.84
CA GLY B 142 -4.45 -4.17 -9.96
C GLY B 142 -5.72 -4.30 -10.80
N ASN B 143 -6.15 -5.54 -11.02
CA ASN B 143 -7.32 -5.81 -11.83
C ASN B 143 -8.60 -5.14 -11.36
N LEU B 144 -9.42 -4.76 -12.32
CA LEU B 144 -10.69 -4.10 -12.08
C LEU B 144 -11.81 -5.09 -11.73
N LYS B 145 -11.56 -6.38 -11.95
CA LYS B 145 -12.56 -7.41 -11.68
C LYS B 145 -11.86 -8.71 -11.34
N GLU B 146 -12.53 -9.60 -10.62
CA GLU B 146 -11.91 -10.87 -10.21
C GLU B 146 -11.45 -11.78 -11.35
N THR B 147 -12.00 -11.60 -12.53
CA THR B 147 -11.60 -12.41 -13.68
C THR B 147 -11.68 -11.56 -14.94
N TRP B 148 -10.70 -10.67 -15.11
CA TRP B 148 -10.64 -9.78 -16.25
C TRP B 148 -10.91 -10.51 -17.55
N GLY B 155 -9.64 -5.93 -18.23
CA GLY B 155 -9.93 -5.78 -16.83
C GLY B 155 -8.76 -5.18 -16.09
N GLN B 156 -7.97 -4.38 -16.79
CA GLN B 156 -6.80 -3.70 -16.23
C GLN B 156 -7.00 -2.20 -16.48
N PRO B 157 -6.77 -1.37 -15.46
CA PRO B 157 -6.93 0.08 -15.59
C PRO B 157 -5.83 0.77 -16.41
N SER B 158 -6.14 1.94 -16.96
CA SER B 158 -5.12 2.65 -17.71
C SER B 158 -4.34 3.52 -16.73
N VAL B 159 -4.98 3.96 -15.66
CA VAL B 159 -4.26 4.78 -14.66
C VAL B 159 -4.55 4.26 -13.24
N LEU B 160 -3.80 4.79 -12.26
CA LEU B 160 -3.94 4.39 -10.87
C LEU B 160 -5.39 4.52 -10.40
N GLN B 161 -5.88 3.51 -9.69
CA GLN B 161 -7.25 3.48 -9.16
C GLN B 161 -7.26 3.73 -7.66
N VAL B 162 -8.38 4.22 -7.14
CA VAL B 162 -8.49 4.49 -5.71
C VAL B 162 -9.87 4.10 -5.21
N VAL B 163 -9.96 3.66 -3.96
CA VAL B 163 -11.25 3.32 -3.38
C VAL B 163 -11.15 3.50 -1.89
N ASN B 164 -12.21 4.02 -1.25
CA ASN B 164 -12.20 4.23 0.20
C ASN B 164 -13.04 3.13 0.81
N LEU B 165 -12.53 2.52 1.87
CA LEU B 165 -13.22 1.39 2.52
C LEU B 165 -13.20 1.47 4.03
N PRO B 166 -14.29 1.02 4.67
CA PRO B 166 -14.39 1.03 6.13
C PRO B 166 -13.73 -0.18 6.78
N ILE B 167 -13.10 0.05 7.92
CA ILE B 167 -12.48 -1.00 8.72
C ILE B 167 -13.66 -1.78 9.30
N VAL B 168 -13.54 -3.11 9.32
CA VAL B 168 -14.60 -4.00 9.83
C VAL B 168 -14.30 -4.60 11.22
N GLU B 169 -15.34 -4.75 12.02
CA GLU B 169 -15.21 -5.33 13.36
C GLU B 169 -14.51 -6.67 13.27
N ARG B 170 -13.59 -6.95 14.18
CA ARG B 170 -12.85 -8.20 14.16
C ARG B 170 -13.70 -9.49 14.11
N PRO B 171 -14.78 -9.59 14.91
CA PRO B 171 -15.66 -10.77 14.93
C PRO B 171 -16.20 -11.06 13.54
N VAL B 172 -16.59 -10.00 12.84
CA VAL B 172 -17.11 -10.13 11.49
C VAL B 172 -16.01 -10.62 10.51
N CYS B 173 -14.79 -10.08 10.63
CA CYS B 173 -13.68 -10.52 9.78
C CYS B 173 -13.45 -12.03 9.99
N LYS B 174 -13.38 -12.44 11.25
CA LYS B 174 -13.15 -13.85 11.59
C LYS B 174 -14.23 -14.79 11.08
N ASP B 175 -15.48 -14.38 11.21
CA ASP B 175 -16.60 -15.21 10.77
C ASP B 175 -16.81 -15.28 9.27
N SER B 176 -16.01 -14.54 8.49
CA SER B 176 -16.18 -14.55 7.05
C SER B 176 -15.25 -15.52 6.35
N THR B 177 -14.31 -16.09 7.10
CA THR B 177 -13.32 -16.96 6.47
C THR B 177 -13.00 -18.16 7.35
N ARG B 178 -12.44 -19.18 6.74
CA ARG B 178 -12.05 -20.34 7.49
C ARG B 178 -10.58 -20.17 7.91
N ILE B 179 -9.88 -19.18 7.34
CA ILE B 179 -8.46 -18.90 7.65
C ILE B 179 -8.32 -18.36 9.09
N ARG B 180 -7.24 -18.73 9.79
CA ARG B 180 -7.01 -18.25 11.16
C ARG B 180 -6.43 -16.81 11.10
N ILE B 181 -7.19 -15.84 11.59
CA ILE B 181 -6.82 -14.43 11.59
C ILE B 181 -5.98 -14.13 12.83
N THR B 182 -5.01 -13.23 12.74
CA THR B 182 -4.18 -12.92 13.91
C THR B 182 -4.27 -11.44 14.22
N ASP B 183 -3.63 -11.07 15.31
CA ASP B 183 -3.60 -9.68 15.74
C ASP B 183 -2.78 -8.82 14.79
N ASN B 184 -2.04 -9.45 13.88
CA ASN B 184 -1.22 -8.68 12.93
C ASN B 184 -1.94 -8.37 11.62
N MET B 185 -3.25 -8.56 11.60
CA MET B 185 -4.05 -8.28 10.41
C MET B 185 -5.33 -7.59 10.83
N PHE B 186 -5.97 -6.88 9.90
CA PHE B 186 -7.29 -6.32 10.17
C PHE B 186 -7.98 -6.46 8.83
N CYS B 187 -9.31 -6.39 8.78
CA CYS B 187 -9.96 -6.49 7.48
C CYS B 187 -10.76 -5.25 7.19
N ALA B 188 -11.07 -5.06 5.91
CA ALA B 188 -11.81 -3.88 5.50
C ALA B 188 -12.72 -4.18 4.31
N GLY B 189 -13.79 -3.39 4.18
CA GLY B 189 -14.73 -3.58 3.09
C GLY B 189 -16.15 -3.34 3.57
N TYR B 190 -17.07 -3.18 2.64
CA TYR B 190 -18.46 -2.97 2.97
C TYR B 190 -19.11 -4.33 3.20
N LYS B 191 -20.16 -4.32 4.00
CA LYS B 191 -20.94 -5.52 4.31
C LYS B 191 -21.96 -5.70 3.17
N PRO B 192 -22.51 -6.92 3.03
CA PRO B 192 -23.49 -7.19 1.97
C PRO B 192 -24.66 -6.20 1.93
N ASP B 193 -25.09 -5.72 3.09
CA ASP B 193 -26.22 -4.82 3.16
C ASP B 193 -25.92 -3.34 3.25
N GLU B 194 -24.72 -2.92 2.87
CA GLU B 194 -24.39 -1.51 2.98
C GLU B 194 -24.60 -0.72 1.69
N GLY B 195 -24.91 -1.42 0.61
CA GLY B 195 -25.16 -0.73 -0.64
C GLY B 195 -23.98 -0.14 -1.38
N LYS B 196 -22.79 -0.28 -0.82
CA LYS B 196 -21.58 0.22 -1.48
C LYS B 196 -20.65 -0.98 -1.52
N ARG B 197 -19.74 -1.02 -2.49
CA ARG B 197 -18.80 -2.11 -2.53
C ARG B 197 -17.41 -1.60 -2.95
N GLY B 198 -16.50 -2.51 -3.26
CA GLY B 198 -15.15 -2.10 -3.62
C GLY B 198 -14.15 -2.96 -2.89
N ASP B 199 -12.98 -3.16 -3.48
CA ASP B 199 -11.98 -4.03 -2.85
C ASP B 199 -10.68 -3.93 -3.67
N ALA B 200 -9.61 -4.50 -3.14
CA ALA B 200 -8.34 -4.57 -3.82
C ALA B 200 -8.48 -5.86 -4.64
N CYS B 201 -7.55 -6.11 -5.56
CA CYS B 201 -7.61 -7.35 -6.34
C CYS B 201 -6.18 -7.69 -6.75
N GLU B 202 -6.02 -8.75 -7.55
CA GLU B 202 -4.70 -9.17 -8.01
C GLU B 202 -3.94 -7.98 -8.56
N GLY B 203 -2.68 -7.80 -8.16
CA GLY B 203 -1.91 -6.66 -8.65
C GLY B 203 -1.83 -5.53 -7.62
N ASP B 204 -2.84 -5.41 -6.77
CA ASP B 204 -2.89 -4.39 -5.72
C ASP B 204 -2.12 -4.76 -4.44
N SER B 205 -1.91 -6.06 -4.21
CA SER B 205 -1.20 -6.45 -2.98
C SER B 205 0.14 -5.78 -2.85
N GLY B 206 0.51 -5.55 -1.58
CA GLY B 206 1.74 -4.90 -1.21
C GLY B 206 1.51 -3.41 -1.14
N GLY B 207 0.40 -2.94 -1.71
CA GLY B 207 0.09 -1.50 -1.70
C GLY B 207 -0.35 -0.98 -0.35
N PRO B 208 -0.50 0.36 -0.21
CA PRO B 208 -0.91 0.95 1.07
C PRO B 208 -2.38 1.15 1.34
N PHE B 209 -2.74 1.01 2.61
CA PHE B 209 -4.09 1.30 3.09
C PHE B 209 -3.76 2.53 3.94
N VAL B 210 -4.23 3.71 3.54
CA VAL B 210 -3.89 4.91 4.32
C VAL B 210 -5.08 5.62 4.94
N MET B 211 -4.80 6.42 5.95
CA MET B 211 -5.85 7.20 6.58
C MET B 211 -5.30 8.60 6.79
N LYS B 212 -6.18 9.59 6.79
CA LYS B 212 -5.73 10.97 7.01
C LYS B 212 -6.09 11.40 8.43
N SER B 213 -5.09 11.81 9.21
CA SER B 213 -5.34 12.21 10.59
C SER B 213 -6.11 13.52 10.67
N PRO B 214 -7.22 13.53 11.43
CA PRO B 214 -8.00 14.77 11.57
C PRO B 214 -7.30 15.73 12.54
N PHE B 215 -6.30 15.21 13.26
CA PHE B 215 -5.54 16.00 14.23
C PHE B 215 -4.43 16.83 13.62
N ASN B 216 -3.64 16.25 12.73
CA ASN B 216 -2.55 17.01 12.12
C ASN B 216 -2.56 17.06 10.60
N ASN B 217 -3.63 16.54 10.01
CA ASN B 217 -3.85 16.52 8.57
C ASN B 217 -2.84 15.78 7.73
N ARG B 218 -2.10 14.86 8.33
CA ARG B 218 -1.13 14.07 7.61
C ARG B 218 -1.70 12.69 7.26
N TRP B 219 -1.20 12.12 6.17
CA TRP B 219 -1.62 10.79 5.77
C TRP B 219 -0.71 9.77 6.43
N TYR B 220 -1.31 8.72 6.98
CA TYR B 220 -0.58 7.64 7.65
C TYR B 220 -0.86 6.28 6.99
N GLN B 221 0.17 5.45 6.84
CA GLN B 221 -0.07 4.13 6.28
C GLN B 221 -0.42 3.18 7.45
N MET B 222 -1.68 2.75 7.52
CA MET B 222 -2.09 1.88 8.60
C MET B 222 -1.99 0.42 8.21
N GLY B 223 -2.08 0.13 6.91
CA GLY B 223 -2.00 -1.26 6.49
C GLY B 223 -1.32 -1.49 5.16
N ILE B 224 -1.10 -2.77 4.86
CA ILE B 224 -0.53 -3.21 3.59
C ILE B 224 -1.51 -4.21 3.02
N VAL B 225 -1.93 -4.02 1.78
CA VAL B 225 -2.85 -4.94 1.14
C VAL B 225 -2.18 -6.31 1.21
N SER B 226 -2.81 -7.26 1.90
CA SER B 226 -2.19 -8.57 2.06
C SER B 226 -2.90 -9.71 1.33
N TRP B 227 -4.13 -10.04 1.69
CA TRP B 227 -4.80 -11.12 1.01
C TRP B 227 -6.31 -11.02 1.04
N GLY B 228 -6.92 -11.84 0.20
CA GLY B 228 -8.36 -11.86 0.13
C GLY B 228 -8.75 -13.11 -0.62
N GLU B 229 -10.02 -13.48 -0.53
CA GLU B 229 -10.53 -14.65 -1.22
C GLU B 229 -11.41 -14.10 -2.33
N GLY B 230 -10.84 -14.01 -3.52
CA GLY B 230 -11.57 -13.45 -4.64
C GLY B 230 -11.43 -11.94 -4.54
N CYS B 231 -12.26 -11.21 -5.28
CA CYS B 231 -12.22 -9.74 -5.23
C CYS B 231 -13.61 -9.18 -5.18
N ASP B 232 -13.90 -8.40 -4.15
CA ASP B 232 -15.19 -7.75 -4.02
C ASP B 232 -16.37 -8.73 -3.96
N ARG B 233 -16.19 -9.85 -3.26
CA ARG B 233 -17.27 -10.82 -3.13
C ARG B 233 -18.10 -10.45 -1.90
N ASP B 234 -19.41 -10.66 -1.99
CA ASP B 234 -20.27 -10.35 -0.86
C ASP B 234 -19.95 -11.28 0.31
N GLY B 235 -19.97 -10.73 1.51
CA GLY B 235 -19.69 -11.52 2.69
C GLY B 235 -18.21 -11.82 2.91
N LYS B 236 -17.37 -11.28 2.05
CA LYS B 236 -15.93 -11.48 2.19
C LYS B 236 -15.26 -10.11 2.32
N TYR B 237 -14.07 -10.07 2.90
CA TYR B 237 -13.35 -8.82 3.12
C TYR B 237 -11.86 -8.94 2.79
N GLY B 238 -11.23 -7.80 2.50
CA GLY B 238 -9.82 -7.82 2.20
C GLY B 238 -9.07 -7.75 3.52
N PHE B 239 -7.92 -8.42 3.60
CA PHE B 239 -7.11 -8.44 4.80
C PHE B 239 -5.85 -7.68 4.59
N TYR B 240 -5.48 -6.95 5.64
CA TYR B 240 -4.34 -6.06 5.62
C TYR B 240 -3.36 -6.28 6.75
N THR B 241 -2.08 -6.17 6.46
CA THR B 241 -1.06 -6.28 7.50
C THR B 241 -1.15 -5.05 8.38
N HIS B 242 -1.17 -5.26 9.69
CA HIS B 242 -1.29 -4.19 10.69
C HIS B 242 0.07 -3.56 10.88
N VAL B 243 0.32 -2.45 10.20
CA VAL B 243 1.63 -1.80 10.22
C VAL B 243 2.14 -1.40 11.58
N PHE B 244 1.27 -0.84 12.41
CA PHE B 244 1.74 -0.42 13.72
C PHE B 244 2.22 -1.59 14.59
N ARG B 245 1.54 -2.71 14.52
CA ARG B 245 1.93 -3.88 15.32
C ARG B 245 3.31 -4.36 14.91
N LEU B 246 3.74 -4.03 13.70
CA LEU B 246 5.04 -4.48 13.24
C LEU B 246 6.07 -3.36 13.15
N LYS B 247 5.74 -2.20 13.69
CA LYS B 247 6.63 -1.05 13.60
C LYS B 247 8.00 -1.21 14.23
N LYS B 248 8.07 -1.92 15.36
CA LYS B 248 9.34 -2.14 16.03
C LYS B 248 10.30 -2.85 15.08
N TRP B 249 9.80 -3.84 14.35
CA TRP B 249 10.65 -4.55 13.40
C TRP B 249 11.13 -3.58 12.34
N ILE B 250 10.21 -2.77 11.82
CA ILE B 250 10.56 -1.80 10.80
C ILE B 250 11.68 -0.86 11.27
N GLN B 251 11.47 -0.23 12.42
CA GLN B 251 12.43 0.69 13.00
C GLN B 251 13.78 0.00 13.23
N LYS B 252 13.74 -1.28 13.61
CA LYS B 252 14.93 -2.07 13.84
C LYS B 252 15.77 -2.24 12.57
N VAL B 253 15.12 -2.61 11.47
CA VAL B 253 15.83 -2.79 10.20
C VAL B 253 16.45 -1.49 9.68
N ILE B 254 15.70 -0.41 9.76
CA ILE B 254 16.19 0.88 9.27
C ILE B 254 17.32 1.41 10.13
N ASP B 255 17.23 1.21 11.44
CA ASP B 255 18.26 1.67 12.37
C ASP B 255 19.59 0.93 12.16
N GLN B 256 19.51 -0.36 11.84
CA GLN B 256 20.70 -1.19 11.64
C GLN B 256 21.32 -1.14 10.25
N PHE B 257 20.49 -1.09 9.21
CA PHE B 257 20.98 -1.08 7.85
C PHE B 257 20.79 0.23 7.12
N GLY B 258 20.30 1.25 7.83
CA GLY B 258 20.09 2.54 7.21
C GLY B 258 21.38 3.22 6.82
N GLU B 259 21.26 4.30 6.04
CA GLU B 259 22.42 5.06 5.59
C GLU B 259 23.29 4.26 4.63
N ASP C 1 -0.18 -3.40 -22.94
CA ASP C 1 1.11 -3.98 -22.49
C ASP C 1 2.13 -2.86 -22.24
N PHE C 2 3.09 -3.10 -21.37
CA PHE C 2 4.07 -2.09 -20.98
C PHE C 2 5.00 -1.52 -22.03
N GLU C 3 5.17 -0.20 -21.98
CA GLU C 3 6.07 0.48 -22.89
C GLU C 3 7.47 0.19 -22.38
N GLU C 4 8.42 -0.01 -23.28
CA GLU C 4 9.77 -0.30 -22.84
C GLU C 4 10.35 0.87 -22.08
N ILE C 5 11.20 0.57 -21.12
CA ILE C 5 11.85 1.58 -20.31
C ILE C 5 13.30 1.67 -20.79
N PRO C 6 13.99 2.77 -20.44
CA PRO C 6 15.39 2.96 -20.85
C PRO C 6 16.31 1.82 -20.43
N GLU C 7 17.28 1.52 -21.30
CA GLU C 7 18.24 0.44 -21.05
C GLU C 7 19.07 0.65 -19.78
N GLU C 8 19.38 1.90 -19.47
CA GLU C 8 20.18 2.24 -18.30
C GLU C 8 19.75 1.44 -17.06
N LEU C 10 18.18 -1.37 -16.92
CA LEU C 10 18.19 -2.82 -17.09
C LEU C 10 19.60 -3.42 -17.10
N GLN C 11 20.60 -2.62 -16.76
CA GLN C 11 21.98 -3.10 -16.73
C GLN C 11 22.54 -3.07 -15.32
#